data_6E8K
#
_entry.id   6E8K
#
_cell.length_a   40.450
_cell.length_b   64.240
_cell.length_c   67.530
_cell.angle_alpha   90.000
_cell.angle_beta   90.000
_cell.angle_gamma   90.000
#
_symmetry.space_group_name_H-M   'P 21 21 21'
#
loop_
_entity.id
_entity.type
_entity.pdbx_description
1 polymer 'LeSH (Llo2327)'
2 polymer 'interleukin-2 receptor beta pTyr387 peptide'
3 water water
#
loop_
_entity_poly.entity_id
_entity_poly.type
_entity_poly.pdbx_seq_one_letter_code
_entity_poly.pdbx_strand_id
1 'polypeptide(L)'
;GAMEAMQKNELNSKIPIIFGLINSYQIHNLLEQHNAKTKESKAVFLIRDSSTYPGLLTISYYCQEQDIVKHIRFGLTDKG
WKTAPKPPHEPLKSDSPEIKEKYTLDKIKFERKMKQFINTAKKLFEQHIRAESFKTLIMELKIHEFNLEGLIKPTRSQAS
QEKHFTDYV
;
A
2 'polypeptide(L)' YFTYDP(PTR)SEEDPD B
#
# COMPACT_ATOMS: atom_id res chain seq x y z
N SER A 13 18.33 -4.25 -17.84
CA SER A 13 18.93 -4.36 -16.51
C SER A 13 18.20 -3.50 -15.48
N LYS A 14 17.07 -2.92 -15.88
CA LYS A 14 16.36 -1.99 -15.03
C LYS A 14 15.69 -2.68 -13.85
N ILE A 15 15.71 -2.02 -12.70
CA ILE A 15 15.10 -2.56 -11.49
C ILE A 15 13.71 -1.99 -11.30
N PRO A 16 12.70 -2.80 -10.96
CA PRO A 16 11.37 -2.24 -10.68
C PRO A 16 11.40 -1.28 -9.52
N ILE A 17 10.46 -0.33 -9.53
CA ILE A 17 10.34 0.62 -8.44
C ILE A 17 9.52 0.07 -7.28
N ILE A 18 9.04 -1.17 -7.37
CA ILE A 18 8.19 -1.78 -6.35
C ILE A 18 9.04 -2.70 -5.47
N PHE A 19 8.94 -2.54 -4.14
CA PHE A 19 9.61 -3.47 -3.24
C PHE A 19 8.86 -4.78 -3.18
N GLY A 20 9.59 -5.85 -2.90
CA GLY A 20 8.97 -7.12 -2.56
C GLY A 20 8.50 -7.12 -1.11
N LEU A 21 8.37 -8.32 -0.56
CA LEU A 21 7.92 -8.47 0.81
C LEU A 21 9.03 -8.04 1.75
N ILE A 22 8.88 -6.89 2.39
CA ILE A 22 9.91 -6.42 3.30
C ILE A 22 9.29 -6.29 4.68
N ASN A 23 10.12 -6.42 5.70
CA ASN A 23 9.61 -6.48 7.06
C ASN A 23 9.46 -5.07 7.63
N SER A 24 8.78 -5.00 8.77
CA SER A 24 8.41 -3.71 9.36
C SER A 24 9.65 -2.92 9.80
N TYR A 25 10.65 -3.60 10.34
CA TYR A 25 11.90 -2.94 10.73
C TYR A 25 12.56 -2.30 9.51
N GLN A 26 12.65 -3.07 8.41
CA GLN A 26 13.24 -2.55 7.18
C GLN A 26 12.44 -1.37 6.62
N ILE A 27 11.11 -1.44 6.66
CA ILE A 27 10.29 -0.32 6.20
C ILE A 27 10.62 0.93 6.99
N HIS A 28 10.69 0.81 8.32
CA HIS A 28 10.97 2.00 9.13
C HIS A 28 12.35 2.56 8.80
N ASN A 29 13.35 1.67 8.64
CA ASN A 29 14.70 2.16 8.43
C ASN A 29 14.87 2.76 7.04
N LEU A 30 14.16 2.22 6.04
CA LEU A 30 14.18 2.82 4.70
C LEU A 30 13.62 4.23 4.75
N LEU A 31 12.48 4.42 5.42
CA LEU A 31 11.91 5.75 5.56
C LEU A 31 12.85 6.66 6.34
N GLU A 32 13.43 6.18 7.43
CA GLU A 32 14.34 7.03 8.20
C GLU A 32 15.61 7.36 7.42
N GLN A 33 16.15 6.39 6.67
CA GLN A 33 17.35 6.64 5.87
C GLN A 33 17.14 7.79 4.89
N HIS A 34 15.94 7.88 4.31
CA HIS A 34 15.62 8.93 3.37
C HIS A 34 15.00 10.14 4.06
N ASN A 35 15.22 10.27 5.37
CA ASN A 35 14.90 11.47 6.13
C ASN A 35 13.40 11.77 6.15
N ALA A 36 12.59 10.72 6.17
CA ALA A 36 11.14 10.91 6.25
C ALA A 36 10.75 11.72 7.49
N LYS A 37 11.48 11.57 8.60
CA LYS A 37 11.04 12.23 9.81
C LYS A 37 11.42 13.70 9.89
N THR A 38 12.15 14.24 8.91
CA THR A 38 12.42 15.67 8.87
C THR A 38 11.74 16.34 7.68
N LYS A 39 10.81 15.64 7.03
CA LYS A 39 10.09 16.14 5.87
C LYS A 39 8.60 15.96 6.12
N GLU A 40 7.80 16.66 5.32
CA GLU A 40 6.34 16.61 5.48
C GLU A 40 5.83 15.20 5.23
N SER A 41 4.70 14.87 5.86
CA SER A 41 4.08 13.57 5.62
C SER A 41 3.87 13.37 4.13
N LYS A 42 4.21 12.18 3.65
CA LYS A 42 4.11 11.73 2.26
C LYS A 42 5.18 12.30 1.35
N ALA A 43 6.11 13.13 1.86
CA ALA A 43 7.21 13.62 1.03
C ALA A 43 8.18 12.50 0.67
N VAL A 44 8.22 11.45 1.47
CA VAL A 44 9.06 10.28 1.30
C VAL A 44 8.15 9.07 1.43
N PHE A 45 8.25 8.11 0.51
CA PHE A 45 7.38 6.95 0.61
C PHE A 45 8.00 5.79 -0.16
N LEU A 46 7.45 4.60 0.07
CA LEU A 46 7.82 3.44 -0.74
C LEU A 46 6.57 2.66 -1.12
N ILE A 47 6.69 1.86 -2.17
CA ILE A 47 5.62 1.02 -2.69
C ILE A 47 6.07 -0.42 -2.60
N ARG A 48 5.25 -1.28 -2.01
CA ARG A 48 5.66 -2.67 -1.81
C ARG A 48 4.49 -3.62 -2.02
N ASP A 49 4.83 -4.87 -2.34
CA ASP A 49 3.83 -5.93 -2.33
C ASP A 49 3.20 -6.02 -0.96
N SER A 50 1.86 -6.09 -0.91
CA SER A 50 1.21 -6.31 0.37
C SER A 50 1.59 -7.64 0.96
N SER A 51 1.88 -7.64 2.26
CA SER A 51 2.19 -8.85 3.00
C SER A 51 0.95 -9.57 3.50
N THR A 52 -0.23 -8.97 3.32
CA THR A 52 -1.49 -9.56 3.77
C THR A 52 -2.37 -10.04 2.65
N TYR A 53 -2.38 -9.32 1.52
CA TYR A 53 -3.26 -9.60 0.38
C TYR A 53 -2.43 -9.66 -0.90
N PRO A 54 -2.13 -10.85 -1.41
CA PRO A 54 -1.38 -10.93 -2.67
C PRO A 54 -2.13 -10.28 -3.82
N GLY A 55 -1.40 -9.56 -4.66
CA GLY A 55 -1.99 -8.80 -5.71
C GLY A 55 -2.19 -7.33 -5.38
N LEU A 56 -2.18 -6.98 -4.10
CA LEU A 56 -2.30 -5.58 -3.72
C LEU A 56 -0.92 -4.97 -3.54
N LEU A 57 -0.87 -3.65 -3.70
CA LEU A 57 0.30 -2.84 -3.39
C LEU A 57 0.01 -2.05 -2.13
N THR A 58 1.04 -1.87 -1.30
CA THR A 58 0.90 -1.06 -0.09
C THR A 58 1.90 0.09 -0.17
N ILE A 59 1.42 1.30 0.07
CA ILE A 59 2.24 2.50 0.12
C ILE A 59 2.55 2.77 1.59
N SER A 60 3.84 2.83 1.94
CA SER A 60 4.23 3.11 3.31
C SER A 60 4.90 4.48 3.39
N TYR A 61 4.57 5.24 4.43
CA TYR A 61 5.09 6.59 4.56
C TYR A 61 5.07 6.97 6.03
N TYR A 62 5.64 8.13 6.33
CA TYR A 62 5.74 8.61 7.70
C TYR A 62 4.67 9.68 7.96
N CYS A 63 3.91 9.51 9.02
CA CYS A 63 2.84 10.45 9.37
C CYS A 63 3.39 11.35 10.48
N GLN A 64 3.75 12.59 10.12
CA GLN A 64 4.33 13.53 11.07
C GLN A 64 3.42 13.77 12.26
N GLU A 65 2.11 13.87 12.01
CA GLU A 65 1.18 14.24 13.06
C GLU A 65 1.12 13.22 14.17
N GLN A 66 1.30 11.94 13.84
CA GLN A 66 1.20 10.87 14.82
C GLN A 66 2.54 10.24 15.17
N ASP A 67 3.62 10.61 14.50
CA ASP A 67 4.93 9.99 14.70
C ASP A 67 4.86 8.48 14.54
N ILE A 68 4.21 8.03 13.47
CA ILE A 68 4.14 6.60 13.16
C ILE A 68 4.24 6.42 11.66
N VAL A 69 4.68 5.24 11.25
CA VAL A 69 4.59 4.83 9.86
C VAL A 69 3.16 4.39 9.57
N LYS A 70 2.60 4.88 8.46
CA LYS A 70 1.25 4.50 8.04
C LYS A 70 1.33 3.79 6.70
N HIS A 71 0.27 3.02 6.40
CA HIS A 71 0.22 2.18 5.20
C HIS A 71 -1.12 2.36 4.52
N ILE A 72 -1.11 2.37 3.18
CA ILE A 72 -2.34 2.48 2.39
C ILE A 72 -2.28 1.42 1.29
N ARG A 73 -3.30 0.56 1.23
CA ARG A 73 -3.32 -0.51 0.23
C ARG A 73 -4.03 -0.05 -1.05
N PHE A 74 -3.48 -0.44 -2.20
CA PHE A 74 -4.05 -0.19 -3.52
C PHE A 74 -4.27 -1.53 -4.22
N GLY A 75 -5.28 -1.60 -5.08
CA GLY A 75 -5.46 -2.77 -5.91
C GLY A 75 -5.98 -2.36 -7.28
N LEU A 76 -5.82 -3.26 -8.23
CA LEU A 76 -6.32 -2.97 -9.58
C LEU A 76 -7.85 -3.00 -9.63
N THR A 77 -8.43 -2.00 -10.29
CA THR A 77 -9.84 -1.97 -10.67
C THR A 77 -9.92 -1.77 -12.17
N ASP A 78 -11.14 -1.78 -12.71
CA ASP A 78 -11.26 -1.58 -14.14
C ASP A 78 -10.74 -0.21 -14.56
N LYS A 79 -10.75 0.76 -13.65
CA LYS A 79 -10.24 2.09 -13.91
C LYS A 79 -8.75 2.23 -13.65
N GLY A 80 -8.09 1.21 -13.11
CA GLY A 80 -6.70 1.26 -12.73
C GLY A 80 -6.54 1.04 -11.23
N TRP A 81 -5.33 1.30 -10.76
CA TRP A 81 -5.06 1.18 -9.34
C TRP A 81 -5.93 2.15 -8.54
N LYS A 82 -6.59 1.65 -7.50
CA LYS A 82 -7.46 2.45 -6.64
C LYS A 82 -7.26 2.03 -5.20
N THR A 83 -7.75 2.83 -4.25
CA THR A 83 -7.56 2.45 -2.86
C THR A 83 -8.50 1.32 -2.45
N ALA A 84 -7.94 0.35 -1.74
CA ALA A 84 -8.67 -0.77 -1.19
C ALA A 84 -9.50 -0.33 0.00
N PRO A 85 -10.52 -1.10 0.36
CA PRO A 85 -11.25 -0.82 1.61
C PRO A 85 -10.29 -0.80 2.78
N LYS A 86 -10.58 0.04 3.76
CA LYS A 86 -9.68 0.09 4.92
C LYS A 86 -10.34 -0.57 6.12
N PRO A 87 -9.56 -1.27 6.94
CA PRO A 87 -10.14 -2.00 8.06
C PRO A 87 -10.49 -1.07 9.20
N PRO A 88 -11.45 -1.45 10.03
CA PRO A 88 -11.79 -0.65 11.21
C PRO A 88 -10.69 -0.76 12.26
N HIS A 89 -10.77 0.13 13.25
CA HIS A 89 -9.73 0.19 14.26
C HIS A 89 -9.70 -1.07 15.11
N GLU A 90 -8.50 -1.50 15.47
CA GLU A 90 -8.33 -2.77 16.14
C GLU A 90 -8.97 -2.76 17.52
N PRO A 91 -9.43 -3.91 18.00
CA PRO A 91 -9.97 -3.98 19.36
C PRO A 91 -8.92 -3.57 20.39
N LEU A 92 -9.35 -2.80 21.38
CA LEU A 92 -8.53 -2.46 22.53
C LEU A 92 -9.17 -3.06 23.78
N LYS A 93 -8.35 -3.63 24.66
CA LYS A 93 -8.94 -4.28 25.83
C LYS A 93 -9.69 -3.29 26.73
N SER A 94 -9.50 -1.98 26.53
CA SER A 94 -10.32 -0.97 27.19
C SER A 94 -11.65 -0.74 26.48
N ASP A 95 -11.93 -1.43 25.38
CA ASP A 95 -13.14 -1.17 24.61
C ASP A 95 -14.39 -1.42 25.45
N SER A 96 -15.40 -0.60 25.23
CA SER A 96 -16.73 -0.70 25.82
C SER A 96 -17.60 -1.62 24.96
N PRO A 97 -18.72 -2.12 25.50
CA PRO A 97 -19.62 -2.93 24.66
C PRO A 97 -20.08 -2.21 23.40
N GLU A 98 -20.24 -0.89 23.46
CA GLU A 98 -20.64 -0.13 22.28
C GLU A 98 -19.56 -0.20 21.20
N ILE A 99 -18.30 -0.02 21.58
CA ILE A 99 -17.21 -0.08 20.60
C ILE A 99 -17.19 -1.46 19.93
N LYS A 100 -17.31 -2.52 20.74
CA LYS A 100 -17.18 -3.88 20.20
C LYS A 100 -18.35 -4.23 19.31
N GLU A 101 -19.56 -3.74 19.64
CA GLU A 101 -20.71 -4.00 18.78
C GLU A 101 -20.54 -3.33 17.43
N LYS A 102 -20.07 -2.08 17.43
CA LYS A 102 -19.80 -1.40 16.17
C LYS A 102 -18.69 -2.10 15.39
N TYR A 103 -17.63 -2.53 16.09
CA TYR A 103 -16.54 -3.23 15.41
C TYR A 103 -17.03 -4.47 14.69
N THR A 104 -17.93 -5.23 15.31
CA THR A 104 -18.47 -6.41 14.65
C THR A 104 -19.05 -6.06 13.28
N LEU A 105 -19.91 -5.03 13.24
CA LEU A 105 -20.51 -4.64 11.96
C LEU A 105 -19.45 -4.12 11.00
N ASP A 106 -18.55 -3.26 11.48
CA ASP A 106 -17.54 -2.69 10.59
C ASP A 106 -16.58 -3.75 10.06
N LYS A 107 -16.28 -4.77 10.86
CA LYS A 107 -15.37 -5.80 10.37
C LYS A 107 -16.05 -6.66 9.31
N ILE A 108 -17.32 -7.01 9.51
CA ILE A 108 -18.05 -7.71 8.46
C ILE A 108 -18.08 -6.88 7.19
N LYS A 109 -18.33 -5.57 7.32
CA LYS A 109 -18.36 -4.71 6.14
C LYS A 109 -17.01 -4.72 5.44
N PHE A 110 -15.94 -4.59 6.21
CA PHE A 110 -14.61 -4.60 5.63
C PHE A 110 -14.34 -5.92 4.92
N GLU A 111 -14.65 -7.05 5.57
CA GLU A 111 -14.33 -8.34 4.96
C GLU A 111 -15.11 -8.53 3.66
N ARG A 112 -16.39 -8.18 3.66
CA ARG A 112 -17.19 -8.28 2.43
C ARG A 112 -16.61 -7.39 1.33
N LYS A 113 -16.26 -6.15 1.67
CA LYS A 113 -15.76 -5.23 0.67
C LYS A 113 -14.40 -5.66 0.17
N MET A 114 -13.53 -6.14 1.07
CA MET A 114 -12.21 -6.56 0.65
C MET A 114 -12.26 -7.86 -0.16
N LYS A 115 -13.18 -8.77 0.18
CA LYS A 115 -13.31 -9.99 -0.62
C LYS A 115 -13.67 -9.66 -2.06
N GLN A 116 -14.65 -8.77 -2.25
CA GLN A 116 -15.04 -8.36 -3.59
C GLN A 116 -13.89 -7.65 -4.29
N PHE A 117 -13.17 -6.81 -3.56
CA PHE A 117 -12.11 -6.00 -4.14
C PHE A 117 -10.97 -6.87 -4.64
N ILE A 118 -10.54 -7.82 -3.81
CA ILE A 118 -9.42 -8.69 -4.17
C ILE A 118 -9.77 -9.59 -5.34
N ASN A 119 -11.02 -10.06 -5.38
CA ASN A 119 -11.42 -10.95 -6.47
C ASN A 119 -11.29 -10.26 -7.81
N THR A 120 -11.70 -8.99 -7.90
CA THR A 120 -11.50 -8.22 -9.13
C THR A 120 -10.03 -7.85 -9.32
N ALA A 121 -9.35 -7.47 -8.25
CA ALA A 121 -7.96 -7.03 -8.38
C ALA A 121 -7.06 -8.18 -8.79
N LYS A 122 -7.27 -9.36 -8.20
CA LYS A 122 -6.43 -10.50 -8.54
C LYS A 122 -6.57 -10.89 -10.00
N LYS A 123 -7.79 -10.90 -10.52
CA LYS A 123 -8.00 -11.22 -11.93
C LYS A 123 -7.22 -10.26 -12.82
N LEU A 124 -7.36 -8.95 -12.58
CA LEU A 124 -6.63 -7.97 -13.37
C LEU A 124 -5.12 -8.10 -13.17
N PHE A 125 -4.68 -8.30 -11.92
CA PHE A 125 -3.26 -8.49 -11.64
C PHE A 125 -2.70 -9.67 -12.43
N GLU A 126 -3.48 -10.74 -12.58
CA GLU A 126 -3.03 -11.91 -13.32
C GLU A 126 -2.99 -11.67 -14.82
N GLN A 127 -3.72 -10.68 -15.33
CA GLN A 127 -3.86 -10.56 -16.77
C GLN A 127 -2.63 -9.90 -17.40
N HIS A 128 -2.53 -10.10 -18.72
CA HIS A 128 -1.33 -9.74 -19.48
C HIS A 128 -1.01 -8.27 -19.30
N ILE A 129 0.30 -7.98 -19.27
CA ILE A 129 0.78 -6.65 -18.90
C ILE A 129 0.93 -5.87 -20.20
N ARG A 130 -0.19 -5.30 -20.65
CA ARG A 130 -0.15 -4.23 -21.65
C ARG A 130 0.54 -2.98 -21.10
N ALA A 131 0.89 -2.99 -19.80
CA ALA A 131 1.81 -2.06 -19.15
C ALA A 131 1.17 -0.72 -18.81
N GLU A 132 0.06 -0.38 -19.48
CA GLU A 132 -0.57 0.92 -19.23
C GLU A 132 -1.23 0.99 -17.86
N SER A 133 -1.21 -0.11 -17.09
CA SER A 133 -1.61 -0.02 -15.68
C SER A 133 -0.67 0.87 -14.90
N PHE A 134 0.63 0.90 -15.27
CA PHE A 134 1.60 1.70 -14.54
C PHE A 134 1.21 3.16 -14.46
N LYS A 135 0.69 3.72 -15.56
CA LYS A 135 0.31 5.12 -15.53
C LYS A 135 -0.77 5.38 -14.49
N THR A 136 -1.69 4.42 -14.31
CA THR A 136 -2.76 4.64 -13.36
C THR A 136 -2.27 4.56 -11.93
N LEU A 137 -1.17 3.85 -11.66
CA LEU A 137 -0.58 3.88 -10.32
C LEU A 137 -0.07 5.28 -10.00
N ILE A 138 0.64 5.89 -10.94
CA ILE A 138 1.13 7.25 -10.75
C ILE A 138 -0.02 8.21 -10.49
N MET A 139 -1.13 8.07 -11.24
CA MET A 139 -2.29 8.95 -11.06
C MET A 139 -2.81 8.89 -9.63
N GLU A 140 -2.99 7.67 -9.12
CA GLU A 140 -3.53 7.51 -7.77
C GLU A 140 -2.54 8.03 -6.72
N LEU A 141 -1.25 7.86 -6.95
CA LEU A 141 -0.26 8.45 -6.05
C LEU A 141 -0.39 9.97 -6.01
N LYS A 142 -0.59 10.59 -7.18
CA LYS A 142 -0.78 12.04 -7.24
C LYS A 142 -2.05 12.46 -6.51
N ILE A 143 -3.15 11.73 -6.73
CA ILE A 143 -4.39 12.06 -6.04
C ILE A 143 -4.21 12.00 -4.54
N HIS A 144 -3.38 11.06 -4.06
CA HIS A 144 -3.08 10.97 -2.64
C HIS A 144 -2.01 11.94 -2.19
N GLU A 145 -1.46 12.73 -3.10
CA GLU A 145 -0.50 13.80 -2.78
C GLU A 145 0.82 13.23 -2.26
N PHE A 146 1.22 12.08 -2.79
CA PHE A 146 2.57 11.58 -2.56
C PHE A 146 3.53 12.32 -3.48
N ASN A 147 4.61 12.83 -2.91
CA ASN A 147 5.65 13.52 -3.68
C ASN A 147 6.44 12.49 -4.48
N LEU A 148 6.20 12.44 -5.80
CA LEU A 148 6.80 11.39 -6.61
C LEU A 148 8.32 11.44 -6.59
N GLU A 149 8.89 12.64 -6.43
CA GLU A 149 10.33 12.75 -6.31
C GLU A 149 10.85 12.15 -5.01
N GLY A 150 9.96 11.85 -4.06
CA GLY A 150 10.34 11.24 -2.81
C GLY A 150 10.22 9.73 -2.80
N LEU A 151 9.91 9.12 -3.93
CA LEU A 151 9.82 7.67 -3.99
C LEU A 151 11.17 7.04 -3.68
N ILE A 152 11.18 6.13 -2.70
CA ILE A 152 12.36 5.33 -2.39
C ILE A 152 12.41 4.14 -3.34
N LYS A 153 13.54 4.00 -4.04
CA LYS A 153 13.55 2.88 -4.97
C LYS A 153 14.28 1.69 -4.37
N PRO A 154 13.78 0.48 -4.59
CA PRO A 154 14.46 -0.70 -4.07
C PRO A 154 15.75 -1.00 -4.81
N THR A 155 16.65 -1.67 -4.12
CA THR A 155 17.77 -2.33 -4.75
C THR A 155 17.31 -3.62 -5.41
N ARG A 156 18.15 -4.15 -6.29
CA ARG A 156 17.76 -5.31 -7.10
C ARG A 156 17.31 -6.47 -6.23
N SER A 157 17.99 -6.73 -5.12
CA SER A 157 17.65 -7.85 -4.27
C SER A 157 16.38 -7.65 -3.46
N GLN A 158 15.92 -6.40 -3.31
CA GLN A 158 14.71 -6.12 -2.54
C GLN A 158 13.50 -5.84 -3.43
N ALA A 159 13.70 -5.77 -4.74
CA ALA A 159 12.62 -5.40 -5.63
C ALA A 159 11.65 -6.56 -5.77
N SER A 160 10.39 -6.22 -6.06
CA SER A 160 9.37 -7.24 -6.29
C SER A 160 9.73 -8.10 -7.49
N GLN A 161 9.48 -9.41 -7.36
CA GLN A 161 9.64 -10.32 -8.48
C GLN A 161 8.32 -10.65 -9.16
N GLU A 162 7.24 -9.95 -8.82
CA GLU A 162 5.98 -10.14 -9.52
C GLU A 162 6.12 -9.72 -10.98
N LYS A 163 5.68 -10.61 -11.89
CA LYS A 163 5.80 -10.33 -13.31
C LYS A 163 5.07 -9.04 -13.70
N HIS A 164 4.01 -8.67 -12.99
CA HIS A 164 3.27 -7.48 -13.34
C HIS A 164 4.10 -6.21 -13.22
N PHE A 165 5.16 -6.23 -12.42
CA PHE A 165 5.93 -5.02 -12.16
C PHE A 165 7.24 -4.97 -12.91
N THR A 166 7.46 -5.89 -13.86
CA THR A 166 8.76 -5.94 -14.54
C THR A 166 9.07 -4.62 -15.22
N ASP A 167 8.06 -3.98 -15.80
CA ASP A 167 8.24 -2.73 -16.52
C ASP A 167 7.76 -1.52 -15.72
N TYR A 168 7.52 -1.69 -14.41
CA TYR A 168 7.27 -0.56 -13.50
C TYR A 168 8.63 0.02 -13.12
N VAL A 169 9.21 0.77 -14.04
CA VAL A 169 10.58 1.24 -13.88
C VAL A 169 10.67 2.76 -14.00
N PRO B 6 -2.06 0.82 12.02
CA PRO B 6 -1.37 1.62 11.00
C PRO B 6 -2.02 1.52 9.61
N SER B 8 -5.52 1.02 9.64
CA SER B 8 -6.88 1.47 9.96
C SER B 8 -7.05 2.97 9.80
#